data_7OSQ
#
_entry.id   7OSQ
#
_cell.length_a   87.651
_cell.length_b   87.651
_cell.length_c   101.148
_cell.angle_alpha   90.000
_cell.angle_beta   90.000
_cell.angle_gamma   120.000
#
_symmetry.space_group_name_H-M   'P 61'
#
loop_
_entity.id
_entity.type
_entity.pdbx_description
1 polymer 'UDP-N-acetylenolpyruvoylglucosamine reductase'
2 non-polymer 'FLAVIN-ADENINE DINUCLEOTIDE'
3 non-polymer '5-methyl-1-phenyl-1,2,3-triazole-4-carboxylic acid'
4 water water
#
_entity_poly.entity_id   1
_entity_poly.type   'polypeptide(L)'
_entity_poly.pdbx_seq_one_letter_code
;MSLELQEHCSLKPYNTFGIDVRARLLAHARDEADVREALALARERGLPLLVIGGGSNLLLTRDVEALVLRMASQGRRIVS
DAADSVLVEAEAGEAWDPFVQWSLERGLAGLENLSLIPGTVGAAPMQNIGAYGVELKDVFDSLTALDRQDGTLREFDRQA
CRFGYRDSLFKQEPDRWLILRVRLRLTRRERLHLDYGPVRQRLEEEGIASPTARDVSRVICAIRREKLPDPAVLGNAGSF
FKNPLVDATQAERLRQAFPDLVGYPQADGRLKLAAGWLIDKGGWKGFRDGPVGVHAQQALVLVNHGGATGAQVRALAERI
QEDVRRRFGVELEPEPNLY
;
_entity_poly.pdbx_strand_id   A
#
loop_
_chem_comp.id
_chem_comp.type
_chem_comp.name
_chem_comp.formula
0JI non-polymer '5-methyl-1-phenyl-1,2,3-triazole-4-carboxylic acid' 'C10 H9 N3 O2'
FAD non-polymer 'FLAVIN-ADENINE DINUCLEOTIDE' 'C27 H33 N9 O15 P2'
#
# COMPACT_ATOMS: atom_id res chain seq x y z
N LEU A 3 4.89 -25.41 10.22
CA LEU A 3 4.80 -23.96 10.05
C LEU A 3 6.12 -23.39 9.58
N GLU A 4 7.10 -24.27 9.37
CA GLU A 4 8.45 -23.87 8.96
C GLU A 4 8.98 -22.76 9.86
N LEU A 5 8.93 -23.01 11.17
CA LEU A 5 9.32 -22.00 12.15
C LEU A 5 10.82 -21.80 12.15
N GLN A 6 11.22 -20.54 12.26
CA GLN A 6 12.62 -20.19 12.47
C GLN A 6 12.73 -19.28 13.68
N GLU A 7 13.85 -19.39 14.39
CA GLU A 7 14.13 -18.58 15.55
C GLU A 7 15.23 -17.59 15.22
N HIS A 8 15.13 -16.39 15.81
CA HIS A 8 16.17 -15.37 15.71
C HIS A 8 16.58 -15.13 14.26
N CYS A 9 15.58 -15.10 13.39
CA CYS A 9 15.76 -15.09 11.95
C CYS A 9 15.78 -13.66 11.41
N SER A 10 16.65 -13.42 10.44
CA SER A 10 16.73 -12.10 9.83
C SER A 10 15.51 -11.82 8.96
N LEU A 11 15.00 -10.59 9.05
CA LEU A 11 13.84 -10.16 8.27
C LEU A 11 14.23 -9.36 7.03
N LYS A 12 15.51 -9.40 6.66
CA LYS A 12 15.98 -8.62 5.51
C LYS A 12 15.28 -9.01 4.22
N PRO A 13 15.13 -10.28 3.84
CA PRO A 13 14.45 -10.60 2.57
C PRO A 13 12.95 -10.44 2.61
N TYR A 14 12.38 -9.98 3.73
CA TYR A 14 10.93 -9.93 3.90
C TYR A 14 10.41 -8.50 3.96
N ASN A 15 11.26 -7.50 3.71
CA ASN A 15 10.79 -6.12 3.70
C ASN A 15 11.53 -5.31 2.63
N THR A 16 10.76 -4.55 1.84
CA THR A 16 11.30 -3.92 0.65
C THR A 16 12.31 -2.81 0.94
N PHE A 17 12.33 -2.27 2.16
CA PHE A 17 13.37 -1.33 2.51
C PHE A 17 14.73 -1.99 2.67
N GLY A 18 14.76 -3.31 2.84
CA GLY A 18 16.03 -4.00 3.04
C GLY A 18 16.62 -3.80 4.42
N ILE A 19 15.79 -3.53 5.43
CA ILE A 19 16.28 -3.34 6.79
C ILE A 19 16.67 -4.68 7.38
N ASP A 20 17.80 -4.72 8.08
CA ASP A 20 18.28 -5.95 8.69
C ASP A 20 18.06 -5.91 10.19
N VAL A 21 16.83 -6.21 10.61
CA VAL A 21 16.55 -6.59 11.99
C VAL A 21 16.22 -8.07 12.00
N ARG A 22 16.15 -8.66 13.18
CA ARG A 22 15.93 -10.09 13.30
C ARG A 22 14.70 -10.34 14.17
N ALA A 23 13.99 -11.43 13.87
CA ALA A 23 12.75 -11.78 14.55
C ALA A 23 12.95 -12.95 15.50
N ARG A 24 12.35 -12.86 16.70
CA ARG A 24 12.52 -13.93 17.68
C ARG A 24 11.88 -15.25 17.21
N LEU A 25 10.69 -15.23 16.62
CA LEU A 25 10.25 -16.37 15.81
C LEU A 25 9.66 -15.89 14.48
N LEU A 26 9.84 -16.69 13.42
CA LEU A 26 9.27 -16.43 12.09
C LEU A 26 8.56 -17.70 11.62
N ALA A 27 7.25 -17.62 11.41
CA ALA A 27 6.49 -18.72 10.82
C ALA A 27 5.89 -18.28 9.48
N HIS A 28 5.45 -19.27 8.70
CA HIS A 28 4.78 -19.03 7.42
C HIS A 28 3.44 -19.74 7.46
N ALA A 29 2.36 -18.98 7.37
CA ALA A 29 1.01 -19.51 7.46
C ALA A 29 0.45 -19.75 6.06
N ARG A 30 0.08 -21.00 5.76
CA ARG A 30 -0.48 -21.38 4.47
C ARG A 30 -1.99 -21.56 4.49
N ASP A 31 -2.64 -21.38 5.64
CA ASP A 31 -4.10 -21.50 5.73
C ASP A 31 -4.57 -20.97 7.09
N GLU A 32 -5.88 -21.10 7.34
CA GLU A 32 -6.47 -20.56 8.56
C GLU A 32 -6.12 -21.38 9.80
N ALA A 33 -5.89 -22.69 9.64
CA ALA A 33 -5.43 -23.50 10.77
C ALA A 33 -4.05 -23.06 11.22
N ASP A 34 -3.16 -22.79 10.26
CA ASP A 34 -1.84 -22.24 10.57
C ASP A 34 -1.97 -20.91 11.31
N VAL A 35 -2.86 -20.04 10.83
CA VAL A 35 -3.08 -18.76 11.50
C VAL A 35 -3.49 -19.00 12.95
N ARG A 36 -4.39 -19.96 13.17
CA ARG A 36 -4.83 -20.25 14.53
C ARG A 36 -3.71 -20.89 15.35
N GLU A 37 -2.95 -21.81 14.75
CA GLU A 37 -1.82 -22.40 15.45
C GLU A 37 -0.80 -21.33 15.84
N ALA A 38 -0.51 -20.40 14.93
CA ALA A 38 0.47 -19.35 15.22
C ALA A 38 -0.01 -18.45 16.36
N LEU A 39 -1.31 -18.14 16.39
CA LEU A 39 -1.85 -17.31 17.47
C LEU A 39 -1.72 -18.00 18.82
N ALA A 40 -2.13 -19.26 18.89
CA ALA A 40 -2.02 -19.99 20.14
C ALA A 40 -0.56 -20.11 20.57
N LEU A 41 0.33 -20.31 19.61
CA LEU A 41 1.74 -20.45 19.92
C LEU A 41 2.31 -19.14 20.47
N ALA A 42 1.97 -18.01 19.84
CA ALA A 42 2.40 -16.72 20.37
C ALA A 42 1.86 -16.51 21.77
N ARG A 43 0.57 -16.81 21.97
CA ARG A 43 -0.05 -16.64 23.28
C ARG A 43 0.52 -17.63 24.30
N GLU A 44 0.79 -18.87 23.89
CA GLU A 44 1.34 -19.83 24.84
C GLU A 44 2.71 -19.40 25.33
N ARG A 45 3.50 -18.76 24.46
CA ARG A 45 4.87 -18.39 24.75
C ARG A 45 5.03 -16.94 25.20
N GLY A 46 3.94 -16.24 25.52
CA GLY A 46 4.05 -14.86 25.97
C GLY A 46 4.56 -13.86 24.95
N LEU A 47 4.30 -14.07 23.67
CA LEU A 47 4.85 -13.18 22.65
C LEU A 47 3.74 -12.43 21.92
N PRO A 48 3.98 -11.18 21.54
CA PRO A 48 3.07 -10.53 20.60
C PRO A 48 3.12 -11.23 19.25
N LEU A 49 2.16 -10.92 18.40
CA LEU A 49 2.15 -11.47 17.06
C LEU A 49 2.18 -10.33 16.06
N LEU A 50 3.12 -10.38 15.12
CA LEU A 50 3.25 -9.37 14.08
C LEU A 50 2.91 -10.00 12.73
N VAL A 51 1.82 -9.55 12.12
CA VAL A 51 1.41 -10.06 10.82
C VAL A 51 2.18 -9.32 9.75
N ILE A 52 2.78 -10.05 8.81
CA ILE A 52 3.37 -9.42 7.64
C ILE A 52 2.91 -10.12 6.36
N GLY A 53 2.79 -9.34 5.29
CA GLY A 53 2.48 -9.85 3.96
C GLY A 53 3.73 -9.83 3.10
N GLY A 54 3.80 -8.94 2.11
CA GLY A 54 5.02 -8.77 1.35
C GLY A 54 6.03 -7.81 1.97
N GLY A 55 5.74 -7.26 3.14
CA GLY A 55 6.63 -6.28 3.76
C GLY A 55 6.96 -5.07 2.92
N SER A 56 6.07 -4.68 2.00
CA SER A 56 6.27 -3.52 1.16
C SER A 56 5.59 -2.27 1.70
N ASN A 57 4.91 -2.34 2.86
CA ASN A 57 4.45 -1.14 3.53
C ASN A 57 4.90 -1.10 5.00
N LEU A 58 5.97 -1.82 5.34
CA LEU A 58 6.51 -1.90 6.71
C LEU A 58 7.85 -1.22 6.83
N LEU A 59 8.01 -0.42 7.87
CA LEU A 59 9.31 0.08 8.27
C LEU A 59 9.67 -0.59 9.59
N LEU A 60 10.61 -1.52 9.55
CA LEU A 60 11.09 -2.17 10.75
C LEU A 60 12.23 -1.35 11.34
N THR A 61 12.12 -0.99 12.62
CA THR A 61 13.11 -0.11 13.25
C THR A 61 13.89 -0.75 14.39
N ARG A 62 13.57 -1.97 14.78
CA ARG A 62 14.30 -2.64 15.86
C ARG A 62 14.06 -4.14 15.73
N ASP A 63 14.91 -4.92 16.40
CA ASP A 63 14.68 -6.36 16.47
C ASP A 63 13.25 -6.64 16.92
N VAL A 64 12.68 -7.73 16.40
CA VAL A 64 11.26 -8.03 16.60
C VAL A 64 11.16 -9.13 17.65
N GLU A 65 10.82 -8.74 18.89
CA GLU A 65 10.56 -9.68 19.98
C GLU A 65 9.10 -10.11 19.90
N ALA A 66 8.79 -10.89 18.87
CA ALA A 66 7.44 -11.32 18.60
C ALA A 66 7.53 -12.56 17.74
N LEU A 67 6.37 -13.20 17.54
CA LEU A 67 6.22 -14.20 16.50
C LEU A 67 5.75 -13.51 15.22
N VAL A 68 6.64 -13.44 14.24
CA VAL A 68 6.32 -12.83 12.96
C VAL A 68 5.65 -13.87 12.08
N LEU A 69 4.43 -13.57 11.63
CA LEU A 69 3.62 -14.52 10.86
C LEU A 69 3.51 -14.05 9.42
N ARG A 70 4.21 -14.73 8.50
CA ARG A 70 4.09 -14.39 7.09
C ARG A 70 2.85 -15.06 6.50
N MET A 71 1.90 -14.25 6.02
CA MET A 71 0.70 -14.76 5.36
C MET A 71 1.05 -15.23 3.94
N ALA A 72 0.93 -16.53 3.71
CA ALA A 72 1.30 -17.14 2.43
C ALA A 72 0.21 -18.08 1.91
N SER A 73 -1.01 -17.97 2.42
CA SER A 73 -2.12 -18.79 1.92
C SER A 73 -2.41 -18.48 0.44
N GLN A 74 -2.81 -19.50 -0.31
CA GLN A 74 -3.06 -19.38 -1.74
C GLN A 74 -4.50 -19.74 -2.04
N GLY A 75 -5.03 -19.14 -3.10
CA GLY A 75 -6.38 -19.39 -3.54
C GLY A 75 -6.97 -18.18 -4.22
N ARG A 76 -7.47 -18.35 -5.45
CA ARG A 76 -8.17 -17.31 -6.18
C ARG A 76 -9.29 -17.97 -6.96
N ARG A 77 -10.48 -17.37 -6.93
CA ARG A 77 -11.60 -18.00 -7.62
C ARG A 77 -12.68 -16.96 -7.93
N ILE A 78 -13.46 -17.27 -8.96
CA ILE A 78 -14.67 -16.53 -9.25
C ILE A 78 -15.77 -17.07 -8.35
N VAL A 79 -16.49 -16.17 -7.69
CA VAL A 79 -17.54 -16.57 -6.76
C VAL A 79 -18.88 -16.58 -7.47
N SER A 80 -19.26 -15.47 -8.07
CA SER A 80 -20.47 -15.41 -8.89
C SER A 80 -20.25 -14.47 -10.07
N ASP A 81 -20.67 -14.91 -11.25
CA ASP A 81 -20.63 -14.12 -12.47
C ASP A 81 -22.06 -13.64 -12.74
N ALA A 82 -22.28 -12.32 -12.60
CA ALA A 82 -23.63 -11.75 -12.76
C ALA A 82 -23.66 -10.84 -13.99
N ALA A 83 -23.23 -11.40 -15.12
CA ALA A 83 -23.16 -10.73 -16.42
C ALA A 83 -22.04 -9.70 -16.31
N ASP A 84 -22.31 -8.39 -16.30
CA ASP A 84 -21.20 -7.46 -16.27
C ASP A 84 -20.48 -7.54 -14.91
N SER A 85 -21.23 -7.53 -13.81
CA SER A 85 -20.58 -7.63 -12.49
C SER A 85 -20.07 -9.05 -12.24
N VAL A 86 -18.93 -9.17 -11.56
CA VAL A 86 -18.35 -10.46 -11.21
C VAL A 86 -17.74 -10.36 -9.81
N LEU A 87 -18.17 -11.23 -8.90
CA LEU A 87 -17.60 -11.31 -7.57
C LEU A 87 -16.45 -12.32 -7.57
N VAL A 88 -15.26 -11.86 -7.17
CA VAL A 88 -14.08 -12.71 -7.12
C VAL A 88 -13.54 -12.68 -5.70
N GLU A 89 -12.75 -13.69 -5.36
CA GLU A 89 -12.32 -13.93 -3.99
C GLU A 89 -10.88 -14.45 -4.00
N ALA A 90 -10.06 -13.94 -3.09
CA ALA A 90 -8.67 -14.37 -2.98
C ALA A 90 -8.24 -14.48 -1.52
N GLU A 91 -7.41 -15.46 -1.24
CA GLU A 91 -6.80 -15.60 0.08
C GLU A 91 -5.80 -14.49 0.36
N ALA A 92 -5.62 -14.18 1.65
CA ALA A 92 -4.81 -13.04 2.08
C ALA A 92 -3.36 -13.13 1.61
N GLY A 93 -2.81 -14.34 1.51
CA GLY A 93 -1.43 -14.46 1.11
C GLY A 93 -1.16 -14.35 -0.37
N GLU A 94 -2.21 -14.27 -1.20
CA GLU A 94 -2.01 -14.16 -2.64
C GLU A 94 -1.33 -12.86 -3.00
N ALA A 95 -0.33 -12.94 -3.87
CA ALA A 95 0.38 -11.74 -4.29
C ALA A 95 -0.52 -10.86 -5.14
N TRP A 96 -0.48 -9.56 -4.88
CA TRP A 96 -1.47 -8.65 -5.46
C TRP A 96 -1.33 -8.57 -6.98
N ASP A 97 -0.14 -8.29 -7.50
CA ASP A 97 -0.08 -8.06 -8.93
C ASP A 97 -0.38 -9.33 -9.76
N PRO A 98 0.05 -10.53 -9.35
CA PRO A 98 -0.43 -11.72 -10.09
C PRO A 98 -1.94 -11.91 -10.00
N PHE A 99 -2.59 -11.36 -8.97
CA PHE A 99 -4.04 -11.45 -8.86
C PHE A 99 -4.73 -10.47 -9.82
N VAL A 100 -4.17 -9.28 -9.98
CA VAL A 100 -4.65 -8.38 -11.03
C VAL A 100 -4.55 -9.07 -12.38
N GLN A 101 -3.37 -9.64 -12.69
CA GLN A 101 -3.22 -10.31 -13.98
C GLN A 101 -4.17 -11.49 -14.11
N TRP A 102 -4.36 -12.26 -13.02
CA TRP A 102 -5.37 -13.31 -13.03
C TRP A 102 -6.74 -12.76 -13.42
N SER A 103 -7.11 -11.59 -12.90
CA SER A 103 -8.44 -11.06 -13.20
C SER A 103 -8.56 -10.60 -14.65
N LEU A 104 -7.54 -9.91 -15.17
CA LEU A 104 -7.61 -9.44 -16.55
C LEU A 104 -7.62 -10.60 -17.53
N GLU A 105 -6.89 -11.68 -17.24
CA GLU A 105 -6.93 -12.88 -18.06
C GLU A 105 -8.30 -13.54 -18.05
N ARG A 106 -9.09 -13.32 -17.01
CA ARG A 106 -10.50 -13.73 -17.03
C ARG A 106 -11.40 -12.72 -17.72
N GLY A 107 -10.86 -11.66 -18.30
CA GLY A 107 -11.69 -10.67 -18.96
C GLY A 107 -12.43 -9.74 -18.03
N LEU A 108 -11.91 -9.51 -16.83
CA LEU A 108 -12.57 -8.67 -15.84
C LEU A 108 -11.83 -7.35 -15.71
N ALA A 109 -12.58 -6.27 -15.61
CA ALA A 109 -12.00 -4.94 -15.45
C ALA A 109 -12.22 -4.48 -14.01
N GLY A 110 -11.48 -3.43 -13.63
CA GLY A 110 -11.63 -2.88 -12.29
C GLY A 110 -10.31 -2.70 -11.58
N LEU A 111 -9.36 -3.64 -11.78
CA LEU A 111 -8.09 -3.63 -11.08
C LEU A 111 -6.94 -3.11 -11.93
N GLU A 112 -7.16 -2.82 -13.22
CA GLU A 112 -6.06 -2.48 -14.12
C GLU A 112 -5.25 -1.28 -13.62
N ASN A 113 -5.89 -0.29 -12.97
CA ASN A 113 -5.16 0.88 -12.52
C ASN A 113 -4.32 0.61 -11.27
N LEU A 114 -4.50 -0.57 -10.67
CA LEU A 114 -3.76 -1.01 -9.50
C LEU A 114 -2.72 -2.06 -9.88
N SER A 115 -2.40 -2.16 -11.17
CA SER A 115 -1.40 -3.09 -11.64
C SER A 115 -0.02 -2.74 -11.05
N LEU A 116 0.72 -3.78 -10.74
CA LEU A 116 2.12 -3.76 -10.34
C LEU A 116 2.34 -3.16 -8.94
N ILE A 117 1.28 -2.96 -8.15
CA ILE A 117 1.50 -2.59 -6.75
C ILE A 117 2.01 -3.81 -5.98
N PRO A 118 3.08 -3.69 -5.19
CA PRO A 118 3.61 -4.87 -4.49
C PRO A 118 2.67 -5.31 -3.37
N GLY A 119 3.00 -6.43 -2.75
CA GLY A 119 2.28 -6.85 -1.55
C GLY A 119 1.22 -7.90 -1.81
N THR A 120 0.32 -8.03 -0.84
CA THR A 120 -0.60 -9.15 -0.83
C THR A 120 -2.05 -8.66 -0.88
N VAL A 121 -2.93 -9.57 -1.26
CA VAL A 121 -4.36 -9.28 -1.28
C VAL A 121 -4.86 -8.94 0.13
N GLY A 122 -4.34 -9.63 1.15
CA GLY A 122 -4.81 -9.41 2.51
C GLY A 122 -4.52 -8.01 3.02
N ALA A 123 -3.35 -7.47 2.68
CA ALA A 123 -2.96 -6.14 3.10
C ALA A 123 -3.66 -5.03 2.32
N ALA A 124 -4.13 -5.30 1.10
CA ALA A 124 -4.70 -4.26 0.24
C ALA A 124 -5.86 -3.51 0.88
N PRO A 125 -6.86 -4.15 1.51
CA PRO A 125 -7.92 -3.37 2.16
C PRO A 125 -7.45 -2.57 3.35
N MET A 126 -6.47 -3.09 4.08
CA MET A 126 -6.02 -2.37 5.26
C MET A 126 -5.43 -1.02 4.89
N GLN A 127 -4.62 -1.00 3.84
CA GLN A 127 -3.99 0.21 3.33
C GLN A 127 -4.88 0.97 2.33
N ASN A 128 -6.03 0.41 1.95
CA ASN A 128 -6.89 0.94 0.86
C ASN A 128 -6.04 1.40 -0.31
N ILE A 129 -5.35 0.43 -0.93
CA ILE A 129 -4.31 0.78 -1.87
C ILE A 129 -4.93 1.53 -3.05
N GLY A 130 -4.12 2.39 -3.66
CA GLY A 130 -4.65 3.31 -4.65
C GLY A 130 -3.54 3.75 -5.59
N ALA A 131 -3.94 4.00 -6.83
CA ALA A 131 -2.99 4.50 -7.83
C ALA A 131 -3.78 4.97 -9.03
N TYR A 132 -3.25 6.01 -9.68
CA TYR A 132 -3.78 6.55 -10.93
C TYR A 132 -5.30 6.69 -10.88
N GLY A 133 -5.79 7.28 -9.77
CA GLY A 133 -7.18 7.64 -9.63
C GLY A 133 -8.12 6.56 -9.14
N VAL A 134 -7.63 5.33 -8.90
CA VAL A 134 -8.50 4.27 -8.40
C VAL A 134 -8.01 3.83 -7.01
N GLU A 135 -8.96 3.49 -6.14
CA GLU A 135 -8.71 2.91 -4.82
C GLU A 135 -9.37 1.54 -4.74
N LEU A 136 -8.83 0.70 -3.86
CA LEU A 136 -9.42 -0.60 -3.60
C LEU A 136 -10.88 -0.48 -3.19
N LYS A 137 -11.26 0.58 -2.44
CA LYS A 137 -12.64 0.65 -1.99
C LYS A 137 -13.63 0.76 -3.16
N ASP A 138 -13.18 1.21 -4.33
CA ASP A 138 -14.07 1.34 -5.49
C ASP A 138 -14.60 -0.02 -5.95
N VAL A 139 -13.87 -1.11 -5.70
CA VAL A 139 -14.23 -2.45 -6.14
C VAL A 139 -14.46 -3.40 -4.98
N PHE A 140 -14.42 -2.91 -3.74
CA PHE A 140 -14.45 -3.78 -2.58
C PHE A 140 -15.87 -4.24 -2.29
N ASP A 141 -16.05 -5.56 -2.16
CA ASP A 141 -17.33 -6.12 -1.71
C ASP A 141 -17.32 -6.48 -0.23
N SER A 142 -16.38 -7.31 0.21
CA SER A 142 -16.34 -7.75 1.61
C SER A 142 -15.04 -8.48 1.91
N LEU A 143 -14.81 -8.72 3.19
CA LEU A 143 -13.65 -9.50 3.60
C LEU A 143 -14.00 -10.28 4.86
N THR A 144 -13.24 -11.34 5.09
CA THR A 144 -13.33 -12.14 6.29
C THR A 144 -12.08 -11.88 7.12
N ALA A 145 -12.27 -11.54 8.40
CA ALA A 145 -11.17 -11.24 9.31
C ALA A 145 -11.37 -11.95 10.64
N LEU A 146 -10.26 -12.43 11.20
CA LEU A 146 -10.24 -12.99 12.55
C LEU A 146 -10.07 -11.88 13.57
N ASP A 147 -10.95 -11.87 14.58
CA ASP A 147 -10.91 -10.89 15.68
C ASP A 147 -9.89 -11.38 16.70
N ARG A 148 -8.79 -10.65 16.86
CA ARG A 148 -7.75 -11.15 17.73
C ARG A 148 -8.05 -10.95 19.22
N GLN A 149 -9.21 -10.38 19.56
CA GLN A 149 -9.61 -10.32 20.96
C GLN A 149 -10.32 -11.60 21.42
N ASP A 150 -10.95 -12.36 20.51
CA ASP A 150 -11.60 -13.59 20.94
C ASP A 150 -11.56 -14.74 19.93
N GLY A 151 -10.92 -14.56 18.78
CA GLY A 151 -10.71 -15.63 17.83
C GLY A 151 -11.86 -15.87 16.86
N THR A 152 -12.92 -15.08 16.93
CA THR A 152 -14.06 -15.33 16.07
C THR A 152 -13.80 -14.70 14.69
N LEU A 153 -14.52 -15.20 13.70
CA LEU A 153 -14.45 -14.69 12.35
C LEU A 153 -15.62 -13.74 12.14
N ARG A 154 -15.36 -12.57 11.56
CA ARG A 154 -16.49 -11.81 11.06
C ARG A 154 -16.23 -11.26 9.67
N GLU A 155 -17.32 -10.99 8.99
CA GLU A 155 -17.31 -10.40 7.66
C GLU A 155 -17.46 -8.90 7.77
N PHE A 156 -16.73 -8.16 6.95
CA PHE A 156 -16.85 -6.72 6.84
C PHE A 156 -17.34 -6.38 5.43
N ASP A 157 -18.44 -5.63 5.32
CA ASP A 157 -18.77 -5.05 4.04
C ASP A 157 -18.07 -3.71 3.92
N ARG A 158 -18.35 -2.98 2.83
CA ARG A 158 -17.54 -1.81 2.50
C ARG A 158 -17.67 -0.71 3.54
N GLN A 159 -18.90 -0.43 3.99
CA GLN A 159 -19.11 0.63 4.98
C GLN A 159 -18.39 0.34 6.29
N ALA A 160 -18.42 -0.91 6.74
CA ALA A 160 -17.83 -1.26 8.03
C ALA A 160 -16.31 -1.21 8.01
N CYS A 161 -15.68 -1.16 6.83
CA CYS A 161 -14.24 -1.04 6.72
C CYS A 161 -13.74 0.38 6.93
N ARG A 162 -14.63 1.36 6.94
CA ARG A 162 -14.32 2.78 7.16
C ARG A 162 -13.08 3.19 6.36
N PHE A 163 -13.16 2.94 5.05
CA PHE A 163 -12.09 3.33 4.14
C PHE A 163 -11.94 4.84 4.12
N GLY A 164 -10.70 5.30 4.01
CA GLY A 164 -10.35 6.68 3.78
C GLY A 164 -9.12 6.71 2.89
N TYR A 165 -8.51 7.87 2.68
CA TYR A 165 -7.34 7.95 1.84
C TYR A 165 -6.17 7.16 2.45
N ARG A 166 -5.75 6.10 1.76
CA ARG A 166 -4.72 5.19 2.29
C ARG A 166 -5.00 4.81 3.74
N ASP A 167 -6.28 4.60 4.08
CA ASP A 167 -6.64 4.39 5.47
C ASP A 167 -7.86 3.48 5.55
N SER A 168 -8.01 2.84 6.72
CA SER A 168 -9.11 1.92 6.96
C SER A 168 -9.25 1.72 8.46
N LEU A 169 -10.38 1.13 8.84
CA LEU A 169 -10.56 0.72 10.23
C LEU A 169 -9.40 -0.17 10.68
N PHE A 170 -8.92 -1.05 9.80
CA PHE A 170 -7.87 -1.99 10.18
C PHE A 170 -6.54 -1.28 10.42
N LYS A 171 -6.25 -0.23 9.64
CA LYS A 171 -5.02 0.51 9.89
C LYS A 171 -5.14 1.40 11.13
N GLN A 172 -6.36 1.73 11.55
CA GLN A 172 -6.56 2.49 12.78
C GLN A 172 -6.44 1.61 14.02
N GLU A 173 -6.85 0.34 13.92
CA GLU A 173 -6.78 -0.64 15.02
C GLU A 173 -5.88 -1.77 14.57
N PRO A 174 -4.58 -1.50 14.38
CA PRO A 174 -3.75 -2.41 13.57
C PRO A 174 -3.60 -3.83 14.11
N ASP A 175 -3.62 -4.02 15.44
CA ASP A 175 -3.40 -5.33 16.05
C ASP A 175 -4.69 -6.10 16.28
N ARG A 176 -5.82 -5.58 15.80
CA ARG A 176 -7.10 -6.13 16.22
C ARG A 176 -7.66 -7.18 15.26
N TRP A 177 -7.47 -6.99 13.96
CA TRP A 177 -8.11 -7.85 12.97
C TRP A 177 -7.03 -8.51 12.12
N LEU A 178 -7.26 -9.75 11.74
CA LEU A 178 -6.32 -10.46 10.89
C LEU A 178 -7.11 -10.87 9.66
N ILE A 179 -6.79 -10.28 8.51
CA ILE A 179 -7.61 -10.44 7.32
C ILE A 179 -7.25 -11.77 6.65
N LEU A 180 -8.25 -12.63 6.44
CA LEU A 180 -8.05 -13.97 5.90
C LEU A 180 -8.38 -14.07 4.39
N ARG A 181 -9.38 -13.34 3.93
CA ARG A 181 -9.73 -13.41 2.52
C ARG A 181 -10.56 -12.21 2.16
N VAL A 182 -10.53 -11.85 0.88
CA VAL A 182 -11.05 -10.58 0.42
C VAL A 182 -11.88 -10.83 -0.84
N ARG A 183 -13.05 -10.20 -0.92
CA ARG A 183 -13.94 -10.36 -2.06
C ARG A 183 -14.11 -9.01 -2.74
N LEU A 184 -13.95 -9.00 -4.07
CA LEU A 184 -14.03 -7.78 -4.86
C LEU A 184 -15.06 -7.95 -5.95
N ARG A 185 -15.68 -6.84 -6.35
CA ARG A 185 -16.67 -6.84 -7.43
C ARG A 185 -16.07 -6.18 -8.67
N LEU A 186 -15.80 -6.97 -9.69
CA LEU A 186 -15.19 -6.52 -10.93
C LEU A 186 -16.28 -6.46 -12.01
N THR A 187 -15.94 -5.93 -13.19
CA THR A 187 -16.95 -5.68 -14.21
C THR A 187 -16.46 -6.12 -15.59
N ARG A 188 -17.41 -6.14 -16.52
CA ARG A 188 -17.13 -6.24 -17.95
C ARG A 188 -17.82 -5.10 -18.68
N ARG A 189 -17.22 -4.68 -19.79
CA ARG A 189 -17.81 -3.75 -20.75
C ARG A 189 -18.09 -2.37 -20.16
N GLU A 190 -17.40 -1.99 -19.08
CA GLU A 190 -17.55 -0.66 -18.50
C GLU A 190 -16.62 0.36 -19.14
N ARG A 191 -16.96 1.63 -18.94
CA ARG A 191 -16.09 2.69 -19.40
C ARG A 191 -14.93 2.83 -18.43
N LEU A 192 -13.85 3.42 -18.93
CA LEU A 192 -12.51 3.04 -18.53
C LEU A 192 -11.82 4.31 -17.97
N HIS A 193 -11.11 4.14 -16.85
CA HIS A 193 -10.74 5.30 -16.02
C HIS A 193 -9.43 5.89 -16.51
N LEU A 194 -9.52 6.91 -17.35
CA LEU A 194 -8.34 7.48 -17.99
C LEU A 194 -8.13 8.95 -17.62
N ASP A 195 -8.60 9.38 -16.44
CA ASP A 195 -8.52 10.79 -16.08
C ASP A 195 -7.07 11.26 -16.01
N TYR A 196 -6.17 10.39 -15.56
CA TYR A 196 -4.76 10.74 -15.51
C TYR A 196 -4.18 10.97 -16.90
N GLY A 197 -3.62 12.17 -17.11
CA GLY A 197 -3.11 12.59 -18.40
C GLY A 197 -2.15 11.62 -19.06
N PRO A 198 -1.01 11.33 -18.42
CA PRO A 198 -0.01 10.45 -19.05
C PRO A 198 -0.51 9.05 -19.41
N VAL A 199 -1.41 8.48 -18.60
CA VAL A 199 -1.98 7.17 -18.95
C VAL A 199 -2.78 7.28 -20.24
N ARG A 200 -3.66 8.28 -20.32
CA ARG A 200 -4.49 8.47 -21.52
C ARG A 200 -3.62 8.74 -22.75
N GLN A 201 -2.58 9.58 -22.61
CA GLN A 201 -1.74 9.91 -23.74
C GLN A 201 -1.04 8.67 -24.29
N ARG A 202 -0.44 7.87 -23.41
CA ARG A 202 0.29 6.69 -23.86
C ARG A 202 -0.64 5.63 -24.41
N LEU A 203 -1.83 5.48 -23.82
CA LEU A 203 -2.83 4.59 -24.42
C LEU A 203 -3.17 5.05 -25.83
N GLU A 204 -3.40 6.36 -26.03
CA GLU A 204 -3.79 6.86 -27.35
C GLU A 204 -2.67 6.67 -28.37
N GLU A 205 -1.41 6.79 -27.92
CA GLU A 205 -0.28 6.63 -28.81
C GLU A 205 -0.25 5.23 -29.39
N GLU A 206 -0.81 4.23 -28.70
CA GLU A 206 -0.80 2.86 -29.19
C GLU A 206 -1.87 2.58 -30.23
N GLY A 207 -2.86 3.46 -30.38
CA GLY A 207 -3.85 3.30 -31.44
C GLY A 207 -4.63 1.99 -31.41
N ILE A 208 -4.97 1.50 -30.21
CA ILE A 208 -5.88 0.36 -30.12
C ILE A 208 -7.24 0.80 -30.64
N ALA A 209 -7.80 0.04 -31.58
CA ALA A 209 -9.11 0.38 -32.15
C ALA A 209 -10.18 0.49 -31.05
N SER A 210 -10.22 -0.48 -30.14
CA SER A 210 -11.19 -0.50 -29.04
C SER A 210 -10.48 -0.87 -27.75
N PRO A 211 -10.13 0.11 -26.91
CA PRO A 211 -9.28 -0.15 -25.74
C PRO A 211 -10.00 -0.94 -24.66
N THR A 212 -9.25 -1.78 -23.94
CA THR A 212 -9.75 -2.60 -22.87
C THR A 212 -8.95 -2.38 -21.59
N ALA A 213 -9.46 -2.96 -20.50
CA ALA A 213 -8.75 -2.97 -19.21
C ALA A 213 -7.33 -3.56 -19.33
N ARG A 214 -7.15 -4.70 -20.02
CA ARG A 214 -5.82 -5.25 -20.26
C ARG A 214 -4.91 -4.24 -20.93
N ASP A 215 -5.48 -3.45 -21.86
CA ASP A 215 -4.64 -2.46 -22.54
C ASP A 215 -4.19 -1.37 -21.56
N VAL A 216 -5.12 -0.91 -20.73
CA VAL A 216 -4.77 0.07 -19.73
C VAL A 216 -3.70 -0.50 -18.80
N SER A 217 -3.84 -1.77 -18.42
CA SER A 217 -2.90 -2.37 -17.48
C SER A 217 -1.48 -2.36 -18.02
N ARG A 218 -1.30 -2.53 -19.35
CA ARG A 218 0.07 -2.63 -19.84
C ARG A 218 0.71 -1.26 -19.87
N VAL A 219 -0.09 -0.20 -20.05
CA VAL A 219 0.40 1.17 -19.98
C VAL A 219 0.81 1.54 -18.56
N ILE A 220 0.00 1.19 -17.57
CA ILE A 220 0.33 1.54 -16.19
C ILE A 220 1.60 0.83 -15.76
N CYS A 221 1.75 -0.46 -16.12
CA CYS A 221 2.97 -1.19 -15.82
C CYS A 221 4.19 -0.50 -16.42
N ALA A 222 4.10 -0.06 -17.70
CA ALA A 222 5.21 0.63 -18.34
C ALA A 222 5.56 1.93 -17.63
N ILE A 223 4.55 2.74 -17.29
CA ILE A 223 4.82 4.00 -16.59
C ILE A 223 5.44 3.74 -15.21
N ARG A 224 4.90 2.77 -14.48
CA ARG A 224 5.45 2.47 -13.14
C ARG A 224 6.88 1.94 -13.23
N ARG A 225 7.16 1.05 -14.20
CA ARG A 225 8.52 0.58 -14.40
C ARG A 225 9.45 1.73 -14.80
N GLU A 226 8.91 2.71 -15.52
CA GLU A 226 9.75 3.81 -15.98
C GLU A 226 10.07 4.79 -14.87
N LYS A 227 9.14 5.08 -13.94
CA LYS A 227 9.36 6.17 -13.01
C LYS A 227 9.58 5.76 -11.55
N LEU A 228 9.26 4.53 -11.15
CA LEU A 228 9.23 4.22 -9.72
C LEU A 228 10.39 3.29 -9.33
N PRO A 229 11.21 3.68 -8.36
CA PRO A 229 12.36 2.84 -7.99
C PRO A 229 11.91 1.46 -7.52
N ASP A 230 12.63 0.45 -8.00
CA ASP A 230 12.35 -0.92 -7.65
C ASP A 230 13.13 -1.27 -6.39
N PRO A 231 12.49 -1.76 -5.32
CA PRO A 231 13.23 -2.12 -4.10
C PRO A 231 14.27 -3.20 -4.32
N ALA A 232 14.11 -4.02 -5.36
CA ALA A 232 15.14 -4.98 -5.76
C ALA A 232 16.52 -4.35 -5.84
N VAL A 233 16.58 -3.12 -6.34
CA VAL A 233 17.83 -2.40 -6.54
C VAL A 233 18.06 -1.38 -5.44
N LEU A 234 17.01 -0.63 -5.07
CA LEU A 234 17.15 0.47 -4.13
C LEU A 234 15.99 0.42 -3.12
N GLY A 235 16.30 0.05 -1.89
CA GLY A 235 15.25 -0.30 -0.93
C GLY A 235 14.35 0.88 -0.64
N ASN A 236 13.04 0.62 -0.59
CA ASN A 236 12.03 1.65 -0.36
C ASN A 236 10.70 0.97 -0.05
N ALA A 237 9.71 1.77 0.36
CA ALA A 237 8.33 1.36 0.60
C ALA A 237 7.39 2.19 -0.26
N GLY A 238 7.86 2.59 -1.43
CA GLY A 238 7.05 3.39 -2.33
C GLY A 238 6.94 4.81 -1.80
N SER A 239 5.78 5.43 -1.97
CA SER A 239 5.58 6.78 -1.48
C SER A 239 5.57 6.77 0.04
N PHE A 240 6.55 7.46 0.66
CA PHE A 240 6.63 7.43 2.10
C PHE A 240 5.55 8.29 2.75
N PHE A 241 5.07 9.29 2.04
CA PHE A 241 4.14 10.26 2.61
C PHE A 241 2.84 10.27 1.81
N LYS A 242 1.76 10.61 2.50
CA LYS A 242 0.46 10.79 1.86
C LYS A 242 0.28 12.24 1.44
N ASN A 243 -0.48 12.45 0.38
CA ASN A 243 -0.89 13.80 0.03
C ASN A 243 -1.79 14.36 1.12
N PRO A 244 -1.44 15.49 1.75
CA PRO A 244 -2.25 16.00 2.85
C PRO A 244 -3.48 16.76 2.35
N LEU A 245 -4.52 16.79 3.19
CA LEU A 245 -5.66 17.65 2.94
C LEU A 245 -5.59 18.87 3.85
N VAL A 246 -6.00 20.03 3.32
CA VAL A 246 -6.07 21.26 4.09
C VAL A 246 -7.42 21.91 3.81
N ASP A 247 -7.89 22.70 4.78
CA ASP A 247 -9.15 23.42 4.65
C ASP A 247 -8.97 24.61 3.71
N ALA A 248 -10.09 25.25 3.36
CA ALA A 248 -10.06 26.30 2.36
C ALA A 248 -9.23 27.50 2.80
N THR A 249 -9.22 27.82 4.09
CA THR A 249 -8.44 28.96 4.55
C THR A 249 -6.95 28.69 4.44
N GLN A 250 -6.51 27.50 4.85
CA GLN A 250 -5.10 27.15 4.70
C GLN A 250 -4.69 27.16 3.24
N ALA A 251 -5.58 26.69 2.35
CA ALA A 251 -5.28 26.68 0.93
C ALA A 251 -5.21 28.10 0.36
N GLU A 252 -5.98 29.02 0.92
CA GLU A 252 -5.93 30.41 0.45
C GLU A 252 -4.57 31.04 0.77
N ARG A 253 -4.12 30.90 2.02
CA ARG A 253 -2.84 31.50 2.41
C ARG A 253 -1.66 30.83 1.71
N LEU A 254 -1.77 29.53 1.41
CA LEU A 254 -0.68 28.83 0.74
C LEU A 254 -0.61 29.19 -0.74
N ARG A 255 -1.75 29.15 -1.44
CA ARG A 255 -1.77 29.53 -2.85
C ARG A 255 -1.52 31.02 -3.04
N GLN A 256 -1.97 31.86 -2.10
CA GLN A 256 -1.66 33.28 -2.20
C GLN A 256 -0.18 33.55 -1.93
N ALA A 257 0.53 32.60 -1.31
CA ALA A 257 1.96 32.72 -1.10
C ALA A 257 2.77 31.89 -2.10
N PHE A 258 2.16 30.88 -2.71
CA PHE A 258 2.83 30.04 -3.71
C PHE A 258 1.84 29.81 -4.85
N PRO A 259 1.90 30.61 -5.92
CA PRO A 259 0.97 30.36 -7.04
C PRO A 259 1.21 29.02 -7.70
N ASP A 260 2.46 28.53 -7.72
CA ASP A 260 2.79 27.28 -8.38
C ASP A 260 2.31 26.05 -7.60
N LEU A 261 1.57 26.25 -6.51
CA LEU A 261 1.09 25.14 -5.67
C LEU A 261 0.32 24.12 -6.50
N VAL A 262 0.71 22.86 -6.36
CA VAL A 262 0.01 21.75 -7.02
C VAL A 262 -0.98 21.16 -6.04
N GLY A 263 -2.25 21.12 -6.43
CA GLY A 263 -3.30 20.65 -5.56
C GLY A 263 -4.46 20.04 -6.33
N TYR A 264 -5.26 19.24 -5.64
CA TYR A 264 -6.41 18.55 -6.21
C TYR A 264 -7.67 18.90 -5.46
N PRO A 265 -8.54 19.73 -5.99
CA PRO A 265 -9.73 20.14 -5.26
C PRO A 265 -10.73 18.98 -5.05
N GLN A 266 -11.42 19.02 -3.90
CA GLN A 266 -12.31 17.95 -3.42
C GLN A 266 -13.75 18.45 -3.36
N ALA A 267 -14.66 17.50 -3.29
CA ALA A 267 -16.09 17.81 -3.33
C ALA A 267 -16.55 18.63 -2.12
N ASP A 268 -15.85 18.53 -0.98
CA ASP A 268 -16.24 19.22 0.25
C ASP A 268 -15.55 20.58 0.42
N GLY A 269 -14.92 21.10 -0.63
CA GLY A 269 -14.25 22.39 -0.57
C GLY A 269 -12.81 22.36 -0.09
N ARG A 270 -12.35 21.23 0.44
CA ARG A 270 -10.96 21.10 0.87
C ARG A 270 -10.06 20.75 -0.30
N LEU A 271 -8.76 20.97 -0.11
CA LEU A 271 -7.76 20.82 -1.16
C LEU A 271 -6.73 19.78 -0.76
N LYS A 272 -6.52 18.80 -1.62
CA LYS A 272 -5.50 17.79 -1.37
C LYS A 272 -4.22 18.25 -2.08
N LEU A 273 -3.20 18.60 -1.28
CA LEU A 273 -1.93 19.08 -1.81
C LEU A 273 -1.07 17.92 -2.29
N ALA A 274 -0.27 18.18 -3.32
CA ALA A 274 0.70 17.20 -3.79
C ALA A 274 1.87 17.17 -2.81
N ALA A 275 1.97 16.10 -2.01
CA ALA A 275 3.08 16.02 -1.06
C ALA A 275 4.43 16.06 -1.76
N GLY A 276 4.52 15.49 -2.97
CA GLY A 276 5.78 15.53 -3.70
C GLY A 276 6.20 16.94 -4.08
N TRP A 277 5.23 17.80 -4.39
CA TRP A 277 5.56 19.18 -4.69
C TRP A 277 6.06 19.91 -3.46
N LEU A 278 5.41 19.68 -2.30
CA LEU A 278 5.85 20.29 -1.04
C LEU A 278 7.28 19.91 -0.69
N ILE A 279 7.64 18.65 -0.89
CA ILE A 279 8.97 18.16 -0.52
C ILE A 279 10.02 18.67 -1.50
N ASP A 280 9.68 18.66 -2.79
CA ASP A 280 10.57 19.24 -3.80
C ASP A 280 10.78 20.72 -3.52
N LYS A 281 9.68 21.48 -3.38
CA LYS A 281 9.80 22.91 -3.16
C LYS A 281 10.48 23.23 -1.84
N GLY A 282 10.62 22.25 -0.95
CA GLY A 282 11.36 22.40 0.28
C GLY A 282 12.83 22.10 0.20
N GLY A 283 13.32 21.67 -0.96
CA GLY A 283 14.74 21.41 -1.11
C GLY A 283 15.18 19.99 -0.84
N TRP A 284 14.25 19.06 -0.64
CA TRP A 284 14.62 17.72 -0.21
C TRP A 284 14.90 16.73 -1.33
N LYS A 285 14.51 17.00 -2.58
CA LYS A 285 14.66 15.99 -3.62
C LYS A 285 16.14 15.75 -3.89
N GLY A 286 16.53 14.48 -3.93
CA GLY A 286 17.94 14.17 -4.08
C GLY A 286 18.73 14.28 -2.80
N PHE A 287 18.07 14.57 -1.67
CA PHE A 287 18.79 14.67 -0.41
C PHE A 287 19.46 13.34 -0.09
N ARG A 288 20.67 13.40 0.47
CA ARG A 288 21.29 12.19 0.96
C ARG A 288 22.17 12.49 2.16
N ASP A 289 22.00 11.71 3.24
CA ASP A 289 22.76 11.84 4.47
C ASP A 289 23.10 10.44 4.93
N GLY A 290 24.40 10.11 4.99
CA GLY A 290 24.83 8.75 5.17
C GLY A 290 24.15 7.80 4.19
N PRO A 291 23.60 6.70 4.69
CA PRO A 291 23.01 5.68 3.81
C PRO A 291 21.55 5.89 3.48
N VAL A 292 20.94 7.02 3.85
CA VAL A 292 19.54 7.29 3.55
C VAL A 292 19.41 8.56 2.74
N GLY A 293 18.30 8.67 2.02
CA GLY A 293 18.04 9.89 1.27
C GLY A 293 16.66 9.88 0.66
N VAL A 294 16.46 10.88 -0.20
CA VAL A 294 15.23 11.07 -0.95
C VAL A 294 15.56 10.85 -2.42
N HIS A 295 14.70 10.14 -3.14
CA HIS A 295 15.00 9.81 -4.52
C HIS A 295 15.18 11.07 -5.36
N ALA A 296 16.05 10.99 -6.37
CA ALA A 296 16.45 12.16 -7.14
C ALA A 296 15.33 12.69 -8.04
N GLN A 297 14.38 11.84 -8.43
CA GLN A 297 13.26 12.29 -9.27
C GLN A 297 11.91 12.14 -8.60
N GLN A 298 11.72 11.11 -7.80
CA GLN A 298 10.48 10.88 -7.08
C GLN A 298 10.70 11.37 -5.64
N ALA A 299 10.31 12.62 -5.37
CA ALA A 299 10.62 13.23 -4.08
C ALA A 299 9.85 12.58 -2.94
N LEU A 300 8.78 11.85 -3.23
CA LEU A 300 8.00 11.16 -2.22
C LEU A 300 8.69 9.90 -1.68
N VAL A 301 9.73 9.41 -2.35
CA VAL A 301 10.25 8.07 -2.11
C VAL A 301 11.52 8.20 -1.29
N LEU A 302 11.44 7.83 -0.02
CA LEU A 302 12.62 7.69 0.83
C LEU A 302 13.32 6.38 0.49
N VAL A 303 14.66 6.39 0.48
CA VAL A 303 15.41 5.26 -0.03
C VAL A 303 16.52 4.83 0.92
N ASN A 304 16.75 3.52 0.95
CA ASN A 304 17.90 2.90 1.60
C ASN A 304 18.96 2.64 0.53
N HIS A 305 20.02 3.45 0.52
CA HIS A 305 21.13 3.23 -0.40
C HIS A 305 21.98 2.02 -0.01
N GLY A 306 21.80 1.50 1.21
CA GLY A 306 22.55 0.33 1.67
C GLY A 306 23.00 0.45 3.11
N GLY A 307 22.64 -0.53 3.94
CA GLY A 307 23.08 -0.54 5.31
C GLY A 307 22.33 0.38 6.24
N ALA A 308 21.27 1.04 5.78
CA ALA A 308 20.50 1.89 6.70
C ALA A 308 19.84 1.03 7.77
N THR A 309 19.78 1.56 8.98
CA THR A 309 18.85 0.98 9.95
C THR A 309 17.45 1.56 9.73
N GLY A 310 16.46 0.86 10.25
CA GLY A 310 15.12 1.42 10.20
C GLY A 310 15.00 2.72 10.97
N ALA A 311 15.81 2.87 12.05
CA ALA A 311 15.79 4.09 12.83
C ALA A 311 16.27 5.29 12.00
N GLN A 312 17.29 5.10 11.18
CA GLN A 312 17.75 6.20 10.32
C GLN A 312 16.68 6.61 9.30
N VAL A 313 15.97 5.65 8.71
CA VAL A 313 14.88 6.01 7.81
C VAL A 313 13.83 6.81 8.56
N ARG A 314 13.43 6.30 9.73
CA ARG A 314 12.46 6.99 10.58
C ARG A 314 12.89 8.42 10.89
N ALA A 315 14.17 8.63 11.19
CA ALA A 315 14.62 9.95 11.61
C ALA A 315 14.70 10.92 10.44
N LEU A 316 15.09 10.46 9.26
CA LEU A 316 15.03 11.32 8.08
C LEU A 316 13.59 11.78 7.82
N ALA A 317 12.64 10.86 7.93
CA ALA A 317 11.24 11.21 7.70
C ALA A 317 10.78 12.24 8.72
N GLU A 318 11.11 12.03 10.01
CA GLU A 318 10.77 13.02 11.02
C GLU A 318 11.39 14.37 10.69
N ARG A 319 12.60 14.36 10.13
CA ARG A 319 13.25 15.60 9.73
C ARG A 319 12.49 16.31 8.63
N ILE A 320 12.18 15.60 7.54
CA ILE A 320 11.38 16.14 6.46
C ILE A 320 10.05 16.65 6.99
N GLN A 321 9.43 15.89 7.89
CA GLN A 321 8.16 16.29 8.48
C GLN A 321 8.30 17.62 9.21
N GLU A 322 9.27 17.71 10.11
CA GLU A 322 9.46 18.95 10.88
C GLU A 322 9.71 20.13 9.96
N ASP A 323 10.53 19.93 8.92
CA ASP A 323 10.85 21.00 7.99
C ASP A 323 9.59 21.48 7.27
N VAL A 324 8.80 20.55 6.72
CA VAL A 324 7.63 20.96 5.95
C VAL A 324 6.56 21.55 6.86
N ARG A 325 6.45 21.04 8.10
CA ARG A 325 5.60 21.69 9.09
C ARG A 325 6.06 23.11 9.38
N ARG A 326 7.35 23.31 9.62
CA ARG A 326 7.83 24.64 9.96
C ARG A 326 7.67 25.58 8.77
N ARG A 327 7.80 25.05 7.56
CA ARG A 327 7.88 25.93 6.41
C ARG A 327 6.50 26.26 5.83
N PHE A 328 5.61 25.28 5.65
CA PHE A 328 4.37 25.66 5.00
C PHE A 328 3.21 25.42 5.95
N GLY A 329 3.51 25.07 7.19
CA GLY A 329 2.47 24.79 8.17
C GLY A 329 1.62 23.59 7.82
N VAL A 330 2.17 22.65 7.07
CA VAL A 330 1.46 21.43 6.68
C VAL A 330 2.23 20.23 7.21
N GLU A 331 1.50 19.32 7.85
CA GLU A 331 2.08 18.09 8.38
C GLU A 331 1.88 16.95 7.39
N LEU A 332 2.97 16.30 7.00
CA LEU A 332 2.93 15.14 6.11
C LEU A 332 2.81 13.86 6.93
N GLU A 333 1.75 13.11 6.70
CA GLU A 333 1.62 11.82 7.36
C GLU A 333 2.31 10.73 6.54
N PRO A 334 2.89 9.73 7.18
CA PRO A 334 3.47 8.62 6.42
C PRO A 334 2.42 7.61 5.95
N GLU A 335 2.74 6.97 4.81
CA GLU A 335 1.96 5.83 4.31
C GLU A 335 2.40 4.52 4.98
N PRO A 336 3.71 4.25 5.10
CA PRO A 336 4.13 2.98 5.72
C PRO A 336 3.70 2.86 7.17
N ASN A 337 3.59 1.60 7.62
CA ASN A 337 3.36 1.27 9.02
C ASN A 337 4.71 1.09 9.72
N LEU A 338 4.81 1.61 10.94
CA LEU A 338 6.07 1.70 11.64
C LEU A 338 6.10 0.63 12.73
N TYR A 339 7.17 -0.16 12.78
CA TYR A 339 7.35 -1.09 13.89
C TYR A 339 8.75 -0.99 14.51
PA FAD B . 3.01 -5.50 4.61
O1A FAD B . 3.94 -4.37 4.45
O2A FAD B . 3.48 -6.91 4.81
O5B FAD B . 2.18 -5.06 5.80
C5B FAD B . 1.80 -3.69 5.99
C4B FAD B . 0.93 -3.56 7.18
O4B FAD B . -0.32 -4.26 6.97
C3B FAD B . 1.50 -4.12 8.47
O3B FAD B . 0.95 -3.41 9.56
C2B FAD B . 0.97 -5.54 8.46
O2B FAD B . 0.77 -6.02 9.78
C1B FAD B . -0.40 -5.37 7.82
N9A FAD B . -0.92 -6.59 7.18
C8A FAD B . -0.44 -7.32 6.11
N7A FAD B . -1.14 -8.41 5.85
C5A FAD B . -2.12 -8.41 6.82
C6A FAD B . -3.20 -9.29 7.11
N6A FAD B . -3.48 -10.40 6.40
N1A FAD B . -4.00 -9.01 8.16
C2A FAD B . -3.73 -7.91 8.89
N3A FAD B . -2.75 -7.04 8.73
C4A FAD B . -1.98 -7.33 7.68
N1 FAD B . 0.64 1.56 -2.11
C2 FAD B . -0.39 2.16 -2.76
O2 FAD B . -1.46 2.37 -2.20
N3 FAD B . -0.24 2.54 -4.09
C4 FAD B . 0.91 2.38 -4.83
O4 FAD B . 0.94 2.76 -6.00
C4X FAD B . 2.01 1.74 -4.14
N5 FAD B . 3.14 1.55 -4.78
C5X FAD B . 4.18 0.93 -4.10
C6 FAD B . 5.39 0.74 -4.77
C7 FAD B . 6.46 0.13 -4.15
C7M FAD B . 7.73 -0.07 -4.92
C8 FAD B . 6.36 -0.27 -2.81
C8M FAD B . 7.55 -0.92 -2.14
C9 FAD B . 5.16 -0.06 -2.12
C9A FAD B . 4.07 0.54 -2.73
N10 FAD B . 2.83 0.76 -2.09
C10 FAD B . 1.78 1.37 -2.74
C1' FAD B . 2.63 0.36 -0.65
C2' FAD B . 1.50 -0.65 -0.48
O2' FAD B . 0.74 -0.53 0.74
C3' FAD B . 2.09 -2.04 -0.47
O3' FAD B . 2.77 -2.19 -1.71
C4' FAD B . 1.08 -3.14 -0.14
O4' FAD B . -0.28 -2.73 -0.07
C5' FAD B . 1.37 -3.67 1.24
O5' FAD B . 1.13 -5.08 1.23
P FAD B . 2.10 -6.06 1.95
O1P FAD B . 1.31 -7.36 1.83
O2P FAD B . 3.45 -5.80 1.46
O3P FAD B . 1.93 -5.51 3.44
C15 0JI C . 2.22 6.71 -8.29
C01 0JI C . 6.53 5.43 -5.50
C02 0JI C . 5.66 4.36 -5.45
C03 0JI C . 4.27 4.54 -5.55
C04 0JI C . 3.80 5.83 -5.71
C05 0JI C . 4.68 6.91 -5.73
C06 0JI C . 6.05 6.74 -5.63
C08 0JI C . 1.71 6.54 -6.86
C09 0JI C . 0.36 6.77 -6.39
C12 0JI C . -0.87 7.25 -7.15
N07 0JI C . 2.38 6.13 -5.79
N10 0JI C . 0.38 6.50 -5.08
N11 0JI C . 1.59 6.12 -4.72
O13 0JI C . -0.97 7.19 -8.42
O14 0JI C . -1.79 7.73 -6.43
#